data_6BEN
#
_entry.id   6BEN
#
_entity_poly.entity_id   1
_entity_poly.type   'polypeptide(L)'
_entity_poly.pdbx_seq_one_letter_code
;(DAR)Q(DPR)(DGN)R(DGL)PQ
;
_entity_poly.pdbx_strand_id   A
#
# COMPACT_ATOMS: atom_id res chain seq x y z
N DAR A 1 -1.60 2.11 1.57
CA DAR A 1 -0.59 3.03 2.06
CB DAR A 1 -0.29 4.06 0.98
CG DAR A 1 0.44 5.27 1.57
CD DAR A 1 0.76 6.33 0.51
NE DAR A 1 1.51 5.77 -0.62
CZ DAR A 1 1.94 6.35 -1.75
NH1 DAR A 1 2.62 5.56 -2.59
NH2 DAR A 1 1.68 7.64 -1.99
C DAR A 1 0.63 2.32 2.65
O DAR A 1 1.43 3.02 3.26
H1 DAR A 1 -1.95 2.20 0.62
HA DAR A 1 -1.06 3.51 2.90
HB2 DAR A 1 -1.21 4.47 0.57
HB3 DAR A 1 0.21 3.61 0.12
HG2 DAR A 1 1.42 4.94 1.91
HG3 DAR A 1 -0.09 5.65 2.43
HD2 DAR A 1 1.40 7.11 0.94
HD3 DAR A 1 -0.17 6.80 0.19
HE DAR A 1 1.73 4.79 -0.61
HH11 DAR A 1 2.82 4.64 -2.21
HH12 DAR A 1 3.30 6.02 -3.16
HH21 DAR A 1 1.15 8.18 -1.32
HH22 DAR A 1 1.67 8.08 -2.89
N GLN A 2 0.82 1.00 2.56
CA GLN A 2 1.85 0.18 3.16
C GLN A 2 2.27 -0.93 2.21
N DPR A 3 3.52 -1.39 2.25
CA DPR A 3 3.89 -2.67 1.69
CB DPR A 3 5.31 -2.97 2.19
CG DPR A 3 5.37 -2.13 3.48
CD DPR A 3 4.61 -0.88 3.07
C DPR A 3 3.81 -2.72 0.17
O DPR A 3 3.85 -3.86 -0.30
HA DPR A 3 3.18 -3.32 2.18
HB2 DPR A 3 6.00 -2.75 1.39
HB3 DPR A 3 5.41 -4.03 2.45
HG2 DPR A 3 6.38 -1.85 3.74
HG3 DPR A 3 4.81 -2.57 4.30
HD2 DPR A 3 5.20 -0.12 2.55
HD3 DPR A 3 4.28 -0.33 3.95
N DGN A 4 3.56 -1.62 -0.54
CA DGN A 4 3.46 -1.65 -1.99
C DGN A 4 2.05 -1.93 -2.49
O DGN A 4 1.81 -1.78 -3.69
CB DGN A 4 4.24 -0.50 -2.62
CG DGN A 4 5.70 -0.45 -2.19
CD DGN A 4 6.32 0.94 -2.15
OE1 DGN A 4 7.25 1.32 -2.86
NE2 DGN A 4 5.79 1.80 -1.28
H DGN A 4 3.62 -0.78 0.00
HA DGN A 4 3.97 -2.57 -2.26
HB2 DGN A 4 3.78 0.46 -2.37
HB3 DGN A 4 4.21 -0.62 -3.70
HG2 DGN A 4 6.32 -1.05 -2.86
HG3 DGN A 4 5.76 -0.91 -1.19
HE21 DGN A 4 5.00 1.53 -0.72
HE22 DGN A 4 6.26 2.69 -1.18
N ARG A 5 1.11 -2.36 -1.64
CA ARG A 5 -0.31 -2.40 -1.91
C ARG A 5 -0.88 -0.99 -1.91
N DGL A 6 -0.60 -0.27 -2.99
CA DGL A 6 -0.60 1.18 -2.96
C DGL A 6 -1.82 1.84 -2.32
O DGL A 6 -1.65 2.71 -1.47
CB DGL A 6 0.74 1.73 -2.45
CG DGL A 6 1.24 1.30 -1.09
CD DGL A 6 2.49 2.03 -0.58
OE1 DGL A 6 2.68 3.22 -0.92
OE2 DGL A 6 3.31 1.42 0.13
H DGL A 6 -0.02 -0.83 -3.59
HA DGL A 6 -0.65 1.43 -4.01
HB2 DGL A 6 0.78 2.80 -2.55
HB3 DGL A 6 1.44 1.49 -3.27
HG2 DGL A 6 1.51 0.26 -1.25
HG3 DGL A 6 0.47 1.38 -0.32
N PRO A 7 -3.03 1.35 -2.52
CA PRO A 7 -4.21 1.80 -1.79
C PRO A 7 -4.29 1.61 -0.29
N GLN A 8 -3.61 0.62 0.28
CA GLN A 8 -3.49 0.54 1.73
C GLN A 8 -2.40 1.40 2.36
N DAR A 1 -1.58 2.33 1.63
CA DAR A 1 -0.48 3.12 2.12
CB DAR A 1 -0.16 4.06 0.95
CG DAR A 1 0.84 5.17 1.32
CD DAR A 1 0.88 6.21 0.20
NE DAR A 1 1.46 5.68 -1.03
CZ DAR A 1 1.97 6.49 -1.97
NH1 DAR A 1 2.75 6.10 -2.99
NH2 DAR A 1 1.66 7.79 -2.00
C DAR A 1 0.70 2.30 2.66
O DAR A 1 1.58 2.88 3.29
H1 DAR A 1 -2.04 2.50 0.75
HA DAR A 1 -0.80 3.70 2.98
HB2 DAR A 1 -1.08 4.56 0.69
HB3 DAR A 1 0.24 3.55 0.08
HG2 DAR A 1 1.80 4.69 1.48
HG3 DAR A 1 0.61 5.70 2.24
HD2 DAR A 1 1.45 7.08 0.53
HD3 DAR A 1 -0.12 6.61 0.04
HE DAR A 1 1.58 4.69 -1.14
HH11 DAR A 1 2.85 5.12 -3.24
HH12 DAR A 1 2.93 6.72 -3.76
HH21 DAR A 1 0.76 8.09 -1.63
HH22 DAR A 1 1.90 8.30 -2.84
N GLN A 2 0.74 0.99 2.43
CA GLN A 2 1.67 0.14 3.15
C GLN A 2 2.16 -1.00 2.26
N DPR A 3 3.39 -1.51 2.37
CA DPR A 3 3.71 -2.84 1.86
CB DPR A 3 5.11 -3.02 2.44
CG DPR A 3 5.75 -1.66 2.69
CD DPR A 3 4.49 -0.85 3.03
C DPR A 3 3.78 -2.90 0.34
O DPR A 3 3.89 -4.00 -0.17
HA DPR A 3 2.99 -3.61 2.15
HB2 DPR A 3 5.78 -3.56 1.76
HB3 DPR A 3 5.02 -3.52 3.39
HG2 DPR A 3 6.17 -1.26 1.76
HG3 DPR A 3 6.56 -1.62 3.43
HD2 DPR A 3 4.59 0.17 2.67
HD3 DPR A 3 4.30 -0.88 4.10
N DGN A 4 3.74 -1.80 -0.41
CA DGN A 4 3.81 -1.71 -1.85
C DGN A 4 2.41 -1.87 -2.44
O DGN A 4 2.28 -2.07 -3.64
CB DGN A 4 4.57 -0.47 -2.30
CG DGN A 4 6.01 -0.40 -1.82
CD DGN A 4 6.78 0.86 -2.22
OE1 DGN A 4 6.82 1.24 -3.38
NE2 DGN A 4 7.40 1.64 -1.34
H DGN A 4 3.76 -0.98 0.19
HA DGN A 4 4.35 -2.59 -2.22
HB2 DGN A 4 3.95 0.33 -1.89
HB3 DGN A 4 4.56 -0.42 -3.40
HG2 DGN A 4 6.64 -1.25 -2.13
HG3 DGN A 4 6.11 -0.45 -0.74
HE21 DGN A 4 7.50 1.39 -0.36
HE22 DGN A 4 7.71 2.52 -1.73
N ARG A 5 1.37 -1.94 -1.61
CA ARG A 5 0.01 -2.27 -2.02
C ARG A 5 -0.72 -0.92 -1.99
N DGL A 6 -0.90 -0.29 -3.15
CA DGL A 6 -1.15 1.12 -3.40
C DGL A 6 -2.18 1.76 -2.50
O DGL A 6 -1.87 2.69 -1.76
CB DGL A 6 0.16 1.89 -3.50
CG DGL A 6 1.19 1.74 -2.39
CD DGL A 6 2.34 2.74 -2.42
OE1 DGL A 6 2.89 3.04 -3.49
OE2 DGL A 6 2.71 3.25 -1.35
H DGL A 6 -0.66 -0.74 -4.02
HA DGL A 6 -1.61 1.19 -4.38
HB2 DGL A 6 -0.21 2.91 -3.40
HB3 DGL A 6 0.55 1.75 -4.52
HG2 DGL A 6 1.61 0.75 -2.54
HG3 DGL A 6 0.68 1.72 -1.42
N PRO A 7 -3.42 1.27 -2.42
CA PRO A 7 -4.42 1.92 -1.59
C PRO A 7 -4.31 1.68 -0.09
N GLN A 8 -3.40 0.79 0.32
CA GLN A 8 -3.16 0.51 1.71
C GLN A 8 -2.25 1.52 2.43
N DAR A 1 -1.54 2.28 1.59
CA DAR A 1 -0.51 3.18 2.08
CB DAR A 1 -0.15 4.16 0.97
CG DAR A 1 0.93 5.16 1.36
CD DAR A 1 1.02 6.25 0.30
NE DAR A 1 1.51 5.76 -1.01
CZ DAR A 1 1.53 6.51 -2.12
NH1 DAR A 1 2.05 5.95 -3.23
NH2 DAR A 1 1.02 7.74 -2.27
C DAR A 1 0.65 2.40 2.66
O DAR A 1 1.51 2.98 3.35
H1 DAR A 1 -1.70 2.23 0.60
HA DAR A 1 -0.88 3.81 2.88
HB2 DAR A 1 -1.06 4.70 0.79
HB3 DAR A 1 0.14 3.63 0.07
HG2 DAR A 1 1.86 4.61 1.44
HG3 DAR A 1 0.73 5.56 2.37
HD2 DAR A 1 1.73 6.97 0.67
HD3 DAR A 1 0.05 6.71 0.13
HE DAR A 1 1.97 4.87 -1.10
HH11 DAR A 1 2.28 4.98 -3.24
HH12 DAR A 1 1.86 6.41 -4.11
HH21 DAR A 1 0.37 8.06 -1.57
HH22 DAR A 1 1.15 8.19 -3.17
N GLN A 2 0.81 1.09 2.46
CA GLN A 2 1.76 0.20 3.09
C GLN A 2 2.06 -1.03 2.25
N DPR A 3 3.26 -1.61 2.39
CA DPR A 3 3.73 -2.87 1.85
CB DPR A 3 5.00 -3.18 2.62
CG DPR A 3 5.59 -1.83 3.01
CD DPR A 3 4.32 -1.01 3.17
C DPR A 3 3.84 -3.03 0.34
O DPR A 3 3.99 -4.14 -0.16
HA DPR A 3 3.05 -3.63 2.22
HB2 DPR A 3 5.64 -3.84 2.04
HB3 DPR A 3 4.68 -3.72 3.51
HG2 DPR A 3 6.28 -1.46 2.26
HG3 DPR A 3 6.20 -1.84 3.92
HD2 DPR A 3 4.46 0.02 2.83
HD3 DPR A 3 4.09 -0.91 4.24
N DGN A 4 3.79 -1.95 -0.45
CA DGN A 4 3.85 -2.03 -1.91
C DGN A 4 2.42 -2.10 -2.42
O DGN A 4 2.22 -2.28 -3.63
CB DGN A 4 4.51 -0.74 -2.38
CG DGN A 4 5.95 -0.55 -1.93
CD DGN A 4 6.36 0.85 -2.35
OE1 DGN A 4 6.86 1.12 -3.42
NE2 DGN A 4 6.08 1.82 -1.47
H DGN A 4 3.60 -1.04 -0.06
HA DGN A 4 4.39 -2.91 -2.27
HB2 DGN A 4 3.90 0.12 -2.09
HB3 DGN A 4 4.57 -0.77 -3.48
HG2 DGN A 4 6.53 -1.33 -2.43
HG3 DGN A 4 5.96 -0.75 -0.85
HE21 DGN A 4 5.46 1.60 -0.70
HE22 DGN A 4 5.98 2.76 -1.85
N ARG A 5 1.39 -2.05 -1.58
CA ARG A 5 -0.01 -2.06 -1.94
C ARG A 5 -0.68 -0.70 -1.88
N DGL A 6 -0.73 -0.04 -3.05
CA DGL A 6 -1.03 1.38 -3.18
C DGL A 6 -2.18 1.81 -2.29
O DGL A 6 -1.97 2.63 -1.40
CB DGL A 6 0.24 2.21 -3.10
CG DGL A 6 1.24 1.96 -1.97
CD DGL A 6 2.41 2.92 -1.91
OE1 DGL A 6 2.90 3.42 -2.95
OE2 DGL A 6 2.78 3.28 -0.78
H DGL A 6 -0.59 -0.49 -3.94
HA DGL A 6 -1.45 1.44 -4.18
HB2 DGL A 6 -0.04 3.27 -3.11
HB3 DGL A 6 0.77 2.30 -4.05
HG2 DGL A 6 1.63 0.94 -1.99
HG3 DGL A 6 0.65 2.02 -1.05
N PRO A 7 -3.44 1.42 -2.50
CA PRO A 7 -4.58 1.76 -1.67
C PRO A 7 -4.39 1.53 -0.19
N GLN A 8 -3.39 0.76 0.26
CA GLN A 8 -3.19 0.43 1.66
C GLN A 8 -2.28 1.47 2.35
N DAR A 1 -1.34 2.44 1.67
CA DAR A 1 -0.30 3.31 2.17
CB DAR A 1 0.19 4.18 1.03
CG DAR A 1 0.89 5.46 1.49
CD DAR A 1 1.01 6.39 0.27
NE DAR A 1 1.89 5.77 -0.72
CZ DAR A 1 2.57 6.38 -1.71
NH1 DAR A 1 3.51 5.72 -2.37
NH2 DAR A 1 2.24 7.61 -2.12
C DAR A 1 0.87 2.55 2.79
O DAR A 1 1.66 3.10 3.54
H1 DAR A 1 -1.40 2.47 0.66
HA DAR A 1 -0.66 3.89 3.01
HB2 DAR A 1 -0.62 4.50 0.39
HB3 DAR A 1 0.92 3.65 0.41
HG2 DAR A 1 1.90 5.17 1.83
HG3 DAR A 1 0.31 5.97 2.25
HD2 DAR A 1 1.39 7.31 0.69
HD3 DAR A 1 0.01 6.56 -0.12
HE DAR A 1 2.02 4.78 -0.59
HH11 DAR A 1 3.66 4.75 -2.18
HH12 DAR A 1 3.82 6.12 -3.26
HH21 DAR A 1 1.54 8.15 -1.63
HH22 DAR A 1 2.61 7.94 -3.01
N GLN A 2 0.95 1.24 2.53
CA GLN A 2 1.72 0.27 3.28
C GLN A 2 2.04 -0.86 2.31
N DPR A 3 3.18 -1.55 2.46
CA DPR A 3 3.44 -2.84 1.85
CB DPR A 3 4.77 -3.37 2.38
CG DPR A 3 5.49 -2.06 2.71
CD DPR A 3 4.37 -1.12 3.17
C DPR A 3 3.40 -2.90 0.33
O DPR A 3 3.24 -3.96 -0.27
HA DPR A 3 2.72 -3.59 2.20
HB2 DPR A 3 5.32 -3.92 1.63
HB3 DPR A 3 4.64 -3.82 3.36
HG2 DPR A 3 5.97 -1.67 1.81
HG3 DPR A 3 6.21 -2.15 3.50
HD2 DPR A 3 4.65 -0.12 2.86
HD3 DPR A 3 4.14 -1.35 4.21
N DGN A 4 3.59 -1.79 -0.39
CA DGN A 4 3.75 -1.81 -1.82
C DGN A 4 2.41 -1.79 -2.55
O DGN A 4 2.37 -1.78 -3.78
CB DGN A 4 4.81 -0.77 -2.24
CG DGN A 4 6.22 -0.87 -1.69
CD DGN A 4 7.20 0.19 -2.19
OE1 DGN A 4 7.79 -0.01 -3.24
NE2 DGN A 4 7.39 1.26 -1.41
H DGN A 4 3.68 -0.91 0.09
HA DGN A 4 4.09 -2.81 -2.12
HB2 DGN A 4 4.43 0.25 -2.28
HB3 DGN A 4 4.93 -1.02 -3.30
HG2 DGN A 4 6.59 -1.86 -1.96
HG3 DGN A 4 6.24 -0.90 -0.60
HE21 DGN A 4 6.86 1.29 -0.54
HE22 DGN A 4 7.95 2.04 -1.74
N ARG A 5 1.29 -1.84 -1.84
CA ARG A 5 -0.01 -2.21 -2.35
C ARG A 5 -0.85 -0.96 -2.16
N DGL A 6 -0.85 -0.19 -3.25
CA DGL A 6 -1.02 1.25 -3.25
C DGL A 6 -2.16 1.73 -2.37
O DGL A 6 -1.98 2.61 -1.52
CB DGL A 6 0.27 2.06 -3.20
CG DGL A 6 1.34 1.60 -2.21
CD DGL A 6 2.59 2.45 -2.34
OE1 DGL A 6 3.20 2.47 -3.45
OE2 DGL A 6 3.03 3.12 -1.38
H DGL A 6 -0.31 -0.66 -3.97
HA DGL A 6 -1.31 1.51 -4.27
HB2 DGL A 6 0.11 3.11 -2.97
HB3 DGL A 6 0.66 2.00 -4.22
HG2 DGL A 6 1.71 0.60 -2.48
HG3 DGL A 6 0.95 1.66 -1.20
N PRO A 7 -3.40 1.21 -2.45
CA PRO A 7 -4.55 1.54 -1.63
C PRO A 7 -4.26 1.46 -0.14
N GLN A 8 -3.25 0.73 0.33
CA GLN A 8 -3.03 0.50 1.75
C GLN A 8 -2.00 1.47 2.31
N DAR A 1 -1.83 2.20 1.78
CA DAR A 1 -0.81 3.06 2.33
CB DAR A 1 -0.55 4.24 1.37
CG DAR A 1 0.14 5.44 2.02
CD DAR A 1 0.17 6.69 1.14
NE DAR A 1 1.18 6.49 0.09
CZ DAR A 1 1.02 5.97 -1.12
NH1 DAR A 1 2.07 6.15 -1.94
NH2 DAR A 1 -0.12 5.37 -1.49
C DAR A 1 0.44 2.39 2.87
O DAR A 1 1.19 3.01 3.62
H1 DAR A 1 -1.92 2.20 0.78
HA DAR A 1 -1.32 3.53 3.17
HB2 DAR A 1 -1.49 4.63 1.01
HB3 DAR A 1 -0.03 3.87 0.50
HG2 DAR A 1 1.17 5.13 2.25
HG3 DAR A 1 -0.25 5.71 3.00
HD2 DAR A 1 0.55 7.55 1.71
HD3 DAR A 1 -0.82 6.86 0.73
HE DAR A 1 2.11 6.88 0.24
HH11 DAR A 1 2.93 6.60 -1.68
HH12 DAR A 1 1.85 5.87 -2.90
HH21 DAR A 1 -0.96 5.48 -0.95
HH22 DAR A 1 -0.25 5.17 -2.46
N GLN A 2 0.70 1.12 2.51
CA GLN A 2 1.78 0.33 3.04
C GLN A 2 2.20 -0.79 2.10
N DPR A 3 3.49 -1.17 2.07
CA DPR A 3 3.98 -2.46 1.67
CB DPR A 3 5.49 -2.49 1.92
CG DPR A 3 5.87 -1.03 1.77
CD DPR A 3 4.63 -0.29 2.26
C DPR A 3 3.80 -2.82 0.20
O DPR A 3 3.88 -4.00 -0.15
HA DPR A 3 3.40 -3.21 2.20
HB2 DPR A 3 6.06 -3.15 1.27
HB3 DPR A 3 5.61 -2.83 2.96
HG2 DPR A 3 6.12 -0.75 0.74
HG3 DPR A 3 6.75 -0.74 2.35
HD2 DPR A 3 4.42 0.65 1.74
HD3 DPR A 3 4.72 -0.10 3.32
N DGN A 4 3.60 -1.85 -0.71
CA DGN A 4 3.62 -2.10 -2.14
C DGN A 4 2.23 -2.51 -2.63
O DGN A 4 2.06 -2.98 -3.75
CB DGN A 4 4.05 -0.84 -2.88
CG DGN A 4 5.45 -0.39 -2.47
CD DGN A 4 5.92 0.82 -3.27
OE1 DGN A 4 5.90 0.86 -4.49
NE2 DGN A 4 6.30 1.96 -2.70
H DGN A 4 3.80 -0.90 -0.47
HA DGN A 4 4.25 -2.96 -2.40
HB2 DGN A 4 3.35 -0.03 -2.69
HB3 DGN A 4 4.05 -1.06 -3.94
HG2 DGN A 4 6.19 -1.17 -2.65
HG3 DGN A 4 5.47 -0.10 -1.41
HE21 DGN A 4 6.21 2.05 -1.69
HE22 DGN A 4 6.76 2.69 -3.21
N ARG A 5 1.23 -2.39 -1.74
CA ARG A 5 -0.17 -2.57 -2.05
C ARG A 5 -0.88 -1.22 -1.88
N DGL A 6 -0.61 -0.30 -2.79
CA DGL A 6 -0.63 1.15 -2.83
C DGL A 6 -1.78 1.80 -2.08
O DGL A 6 -1.54 2.48 -1.08
CB DGL A 6 0.74 1.66 -2.40
CG DGL A 6 1.15 1.28 -0.97
CD DGL A 6 2.51 1.77 -0.56
OE1 DGL A 6 2.82 2.98 -0.42
OE2 DGL A 6 3.46 0.99 -0.34
H DGL A 6 -0.09 -0.78 -3.53
HA DGL A 6 -0.65 1.44 -3.89
HB2 DGL A 6 0.73 2.74 -2.51
HB3 DGL A 6 1.48 1.42 -3.18
HG2 DGL A 6 1.17 0.18 -0.96
HG3 DGL A 6 0.41 1.60 -0.24
N PRO A 7 -3.04 1.49 -2.42
CA PRO A 7 -4.18 2.08 -1.74
C PRO A 7 -4.25 1.83 -0.24
N GLN A 8 -3.61 0.80 0.31
CA GLN A 8 -3.60 0.53 1.74
C GLN A 8 -2.72 1.51 2.49
N DAR A 1 -1.47 2.12 1.54
CA DAR A 1 -0.38 3.00 1.92
CB DAR A 1 -0.05 3.95 0.77
CG DAR A 1 0.75 5.20 1.12
CD DAR A 1 0.66 6.28 0.06
NE DAR A 1 1.06 5.76 -1.25
CZ DAR A 1 0.71 6.33 -2.41
NH1 DAR A 1 1.07 5.74 -3.55
NH2 DAR A 1 0.04 7.48 -2.55
C DAR A 1 0.82 2.30 2.52
O DAR A 1 1.69 3.00 3.04
H1 DAR A 1 -1.67 2.00 0.56
HA DAR A 1 -0.79 3.67 2.67
HB2 DAR A 1 -1.01 4.19 0.31
HB3 DAR A 1 0.53 3.41 0.02
HG2 DAR A 1 1.75 4.81 1.31
HG3 DAR A 1 0.45 5.58 2.09
HD2 DAR A 1 1.06 7.25 0.34
HD3 DAR A 1 -0.41 6.50 -0.04
HE DAR A 1 1.52 4.86 -1.22
HH11 DAR A 1 1.69 4.93 -3.60
HH12 DAR A 1 0.74 6.09 -4.43
HH21 DAR A 1 -0.29 7.89 -1.69
HH22 DAR A 1 -0.11 7.91 -3.46
N GLN A 2 0.93 0.97 2.45
CA GLN A 2 1.81 0.06 3.17
C GLN A 2 2.23 -1.08 2.28
N DPR A 3 3.50 -1.48 2.25
CA DPR A 3 3.81 -2.87 1.91
CB DPR A 3 5.23 -3.11 2.41
CG DPR A 3 5.80 -1.69 2.52
CD DPR A 3 4.59 -0.92 3.02
C DPR A 3 3.70 -2.97 0.39
O DPR A 3 3.51 -4.10 -0.04
HA DPR A 3 3.17 -3.60 2.38
HB2 DPR A 3 5.79 -3.73 1.71
HB3 DPR A 3 5.23 -3.53 3.41
HG2 DPR A 3 6.14 -1.37 1.53
HG3 DPR A 3 6.62 -1.60 3.22
HD2 DPR A 3 4.64 0.14 2.77
HD3 DPR A 3 4.32 -0.97 4.08
N DGN A 4 3.92 -1.88 -0.36
CA DGN A 4 3.88 -1.87 -1.80
C DGN A 4 2.48 -1.87 -2.38
O DGN A 4 2.35 -2.06 -3.58
CB DGN A 4 4.60 -0.62 -2.28
CG DGN A 4 6.08 -0.63 -1.89
CD DGN A 4 6.78 0.52 -2.57
OE1 DGN A 4 6.85 0.67 -3.79
NE2 DGN A 4 7.31 1.53 -1.87
H DGN A 4 4.10 -1.03 0.17
HA DGN A 4 4.50 -2.69 -2.18
HB2 DGN A 4 4.16 0.29 -1.90
HB3 DGN A 4 4.52 -0.73 -3.37
HG2 DGN A 4 6.66 -1.53 -2.13
HG3 DGN A 4 6.12 -0.53 -0.81
HE21 DGN A 4 7.54 1.45 -0.89
HE22 DGN A 4 7.52 2.34 -2.43
N ARG A 5 1.45 -1.81 -1.53
CA ARG A 5 0.05 -1.99 -1.89
C ARG A 5 -0.69 -0.67 -1.88
N DGL A 6 -0.91 -0.09 -3.07
CA DGL A 6 -1.24 1.29 -3.31
C DGL A 6 -2.29 1.90 -2.40
O DGL A 6 -1.94 2.70 -1.53
CB DGL A 6 0.00 2.16 -3.50
CG DGL A 6 1.09 1.90 -2.46
CD DGL A 6 2.21 2.93 -2.40
OE1 DGL A 6 2.70 3.39 -3.45
OE2 DGL A 6 2.76 3.29 -1.34
H DGL A 6 -0.84 -0.71 -3.86
HA DGL A 6 -1.64 1.27 -4.32
HB2 DGL A 6 -0.34 3.19 -3.43
HB3 DGL A 6 0.42 1.91 -4.48
HG2 DGL A 6 1.60 0.96 -2.69
HG3 DGL A 6 0.63 1.76 -1.48
N PRO A 7 -3.56 1.52 -2.61
CA PRO A 7 -4.63 1.88 -1.68
C PRO A 7 -4.32 1.75 -0.19
N GLN A 8 -3.60 0.74 0.28
CA GLN A 8 -3.33 0.50 1.68
C GLN A 8 -2.31 1.45 2.32
N DAR A 1 -1.33 2.33 1.56
CA DAR A 1 -0.34 3.18 2.18
CB DAR A 1 0.17 4.10 1.07
CG DAR A 1 0.95 5.29 1.65
CD DAR A 1 1.16 6.28 0.51
NE DAR A 1 2.14 5.91 -0.50
CZ DAR A 1 2.89 6.74 -1.22
NH1 DAR A 1 3.28 6.32 -2.44
NH2 DAR A 1 3.32 7.95 -0.83
C DAR A 1 0.79 2.44 2.88
O DAR A 1 1.64 2.99 3.56
H1 DAR A 1 -1.36 2.32 0.55
HA DAR A 1 -0.83 3.70 2.99
HB2 DAR A 1 -0.69 4.59 0.61
HB3 DAR A 1 0.74 3.60 0.30
HG2 DAR A 1 1.89 4.85 1.94
HG3 DAR A 1 0.39 5.76 2.46
HD2 DAR A 1 1.45 7.21 1.00
HD3 DAR A 1 0.25 6.51 -0.05
HE DAR A 1 2.27 4.95 -0.79
HH11 DAR A 1 2.80 5.48 -2.73
HH12 DAR A 1 3.59 7.00 -3.13
HH21 DAR A 1 3.15 8.40 0.06
HH22 DAR A 1 3.89 8.49 -1.47
N GLN A 2 0.87 1.13 2.62
CA GLN A 2 1.81 0.24 3.26
C GLN A 2 2.14 -0.89 2.29
N DPR A 3 3.25 -1.62 2.44
CA DPR A 3 3.52 -2.93 1.88
CB DPR A 3 4.84 -3.44 2.46
CG DPR A 3 5.10 -2.55 3.68
CD DPR A 3 4.31 -1.28 3.34
C DPR A 3 3.67 -3.02 0.36
O DPR A 3 3.82 -4.12 -0.13
HA DPR A 3 2.83 -3.72 2.18
HB2 DPR A 3 5.63 -3.32 1.72
HB3 DPR A 3 4.65 -4.46 2.78
HG2 DPR A 3 6.12 -2.24 3.87
HG3 DPR A 3 4.69 -3.01 4.58
HD2 DPR A 3 5.02 -0.54 2.93
HD3 DPR A 3 3.96 -0.83 4.26
N DGN A 4 3.76 -1.86 -0.29
CA DGN A 4 3.81 -1.73 -1.74
C DGN A 4 2.46 -1.90 -2.42
O DGN A 4 2.34 -1.86 -3.65
CB DGN A 4 4.38 -0.35 -2.09
CG DGN A 4 5.89 -0.31 -1.94
CD DGN A 4 6.50 -0.67 -0.59
OE1 DGN A 4 6.97 -1.80 -0.39
NE2 DGN A 4 6.37 0.16 0.44
H DGN A 4 3.84 -1.01 0.26
HA DGN A 4 4.49 -2.47 -2.18
HB2 DGN A 4 3.96 0.31 -1.34
HB3 DGN A 4 3.97 0.01 -3.03
HG2 DGN A 4 6.10 0.73 -2.13
HG3 DGN A 4 6.39 -0.93 -2.69
HE21 DGN A 4 5.71 0.93 0.41
HE22 DGN A 4 6.80 -0.12 1.32
N ARG A 5 1.36 -2.07 -1.69
CA ARG A 5 0.00 -2.20 -2.18
C ARG A 5 -0.61 -0.81 -2.10
N DGL A 6 -0.87 -0.15 -3.24
CA DGL A 6 -1.20 1.25 -3.40
C DGL A 6 -2.31 1.83 -2.51
O DGL A 6 -1.90 2.68 -1.70
CB DGL A 6 0.07 2.09 -3.43
CG DGL A 6 1.02 2.01 -2.23
CD DGL A 6 2.07 3.11 -2.33
OE1 DGL A 6 2.88 3.17 -1.38
OE2 DGL A 6 2.25 3.74 -3.38
H DGL A 6 -0.61 -0.57 -4.12
HA DGL A 6 -1.62 1.33 -4.40
HB2 DGL A 6 -0.22 3.13 -3.57
HB3 DGL A 6 0.65 1.83 -4.32
HG2 DGL A 6 1.54 1.06 -2.23
HG3 DGL A 6 0.45 2.21 -1.32
N PRO A 7 -3.54 1.32 -2.58
CA PRO A 7 -4.59 1.69 -1.66
C PRO A 7 -4.29 1.54 -0.18
N GLN A 8 -3.35 0.70 0.27
CA GLN A 8 -3.02 0.50 1.67
C GLN A 8 -2.06 1.48 2.30
N DAR A 1 -1.34 2.34 1.60
CA DAR A 1 -0.31 3.14 2.21
CB DAR A 1 0.29 4.20 1.28
CG DAR A 1 0.78 5.44 2.04
CD DAR A 1 1.17 6.61 1.13
NE DAR A 1 2.25 6.19 0.25
CZ DAR A 1 3.49 6.65 0.05
NH1 DAR A 1 4.24 6.19 -0.97
NH2 DAR A 1 3.98 7.69 0.74
C DAR A 1 0.77 2.33 2.91
O DAR A 1 1.49 2.92 3.71
H1 DAR A 1 -1.37 2.17 0.61
HA DAR A 1 -0.70 3.67 3.08
HB2 DAR A 1 -0.41 4.47 0.49
HB3 DAR A 1 1.20 3.76 0.87
HG2 DAR A 1 1.69 5.21 2.57
HG3 DAR A 1 -0.02 5.78 2.70
HD2 DAR A 1 1.45 7.48 1.73
HD3 DAR A 1 0.31 6.92 0.55
HE DAR A 1 2.02 5.50 -0.44
HH11 DAR A 1 3.84 5.43 -1.49
HH12 DAR A 1 5.15 6.49 -1.28
HH21 DAR A 1 3.54 7.97 1.62
HH22 DAR A 1 4.89 8.02 0.47
N GLN A 2 0.83 1.01 2.63
CA GLN A 2 1.74 0.07 3.24
C GLN A 2 2.25 -1.04 2.32
N DPR A 3 3.44 -1.59 2.49
CA DPR A 3 3.82 -2.88 1.93
CB DPR A 3 5.24 -3.13 2.42
CG DPR A 3 5.38 -2.30 3.72
CD DPR A 3 4.37 -1.17 3.53
C DPR A 3 3.68 -3.09 0.43
O DPR A 3 3.43 -4.23 0.02
HA DPR A 3 3.17 -3.62 2.38
HB2 DPR A 3 6.00 -2.70 1.79
HB3 DPR A 3 5.44 -4.19 2.53
HG2 DPR A 3 6.40 -1.93 3.79
HG3 DPR A 3 4.94 -2.84 4.55
HD2 DPR A 3 4.81 -0.19 3.40
HD3 DPR A 3 3.95 -0.96 4.51
N DGN A 4 3.92 -2.05 -0.36
CA DGN A 4 3.85 -2.18 -1.81
C DGN A 4 2.46 -2.44 -2.34
O DGN A 4 2.33 -3.32 -3.21
CB DGN A 4 4.54 -1.00 -2.47
CG DGN A 4 6.06 -0.95 -2.30
CD DGN A 4 6.61 -0.91 -0.87
OE1 DGN A 4 7.42 -1.76 -0.51
NE2 DGN A 4 6.21 0.07 -0.04
H DGN A 4 4.07 -1.18 0.13
HA DGN A 4 4.43 -3.06 -2.05
HB2 DGN A 4 4.12 -0.08 -2.07
HB3 DGN A 4 4.44 -1.05 -3.54
HG2 DGN A 4 6.39 0.00 -2.75
HG3 DGN A 4 6.52 -1.81 -2.79
HE21 DGN A 4 5.57 0.82 -0.26
HE22 DGN A 4 6.85 0.15 0.75
N ARG A 5 1.52 -1.75 -1.68
CA ARG A 5 0.12 -1.80 -2.03
C ARG A 5 -0.51 -0.40 -2.00
N DGL A 6 -0.73 0.21 -3.17
CA DGL A 6 -1.29 1.52 -3.43
C DGL A 6 -2.51 1.94 -2.62
O DGL A 6 -2.47 3.01 -2.00
CB DGL A 6 -0.19 2.58 -3.42
CG DGL A 6 0.93 2.50 -2.41
CD DGL A 6 1.81 3.73 -2.22
OE1 DGL A 6 3.03 3.67 -1.95
OE2 DGL A 6 1.23 4.84 -2.25
H DGL A 6 -0.52 -0.33 -3.99
HA DGL A 6 -1.64 1.56 -4.46
HB2 DGL A 6 -0.60 3.60 -3.32
HB3 DGL A 6 0.21 2.53 -4.44
HG2 DGL A 6 1.62 1.70 -2.71
HG3 DGL A 6 0.44 2.28 -1.45
N PRO A 7 -3.62 1.21 -2.62
CA PRO A 7 -4.75 1.44 -1.75
C PRO A 7 -4.54 1.52 -0.25
N GLN A 8 -3.48 0.87 0.23
CA GLN A 8 -3.16 0.68 1.63
C GLN A 8 -2.23 1.66 2.33
N DAR A 1 -1.46 2.41 1.63
CA DAR A 1 -0.40 3.25 2.13
CB DAR A 1 -0.08 4.30 1.08
CG DAR A 1 0.45 5.65 1.56
CD DAR A 1 0.75 6.58 0.39
NE DAR A 1 1.91 6.17 -0.40
CZ DAR A 1 3.20 6.36 -0.10
NH1 DAR A 1 4.12 5.67 -0.78
NH2 DAR A 1 3.54 7.29 0.81
C DAR A 1 0.79 2.45 2.67
O DAR A 1 1.67 3.12 3.23
H1 DAR A 1 -1.72 2.39 0.65
HA DAR A 1 -0.82 3.74 3.01
HB2 DAR A 1 -0.91 4.40 0.37
HB3 DAR A 1 0.73 3.85 0.51
HG2 DAR A 1 1.39 5.49 2.10
HG3 DAR A 1 -0.32 6.07 2.20
HD2 DAR A 1 0.99 7.61 0.71
HD3 DAR A 1 -0.12 6.57 -0.27
HE DAR A 1 1.70 5.46 -1.10
HH11 DAR A 1 3.79 5.00 -1.44
HH12 DAR A 1 5.08 5.96 -0.82
HH21 DAR A 1 2.89 7.90 1.27
HH22 DAR A 1 4.54 7.51 0.77
N GLN A 2 0.84 1.13 2.48
CA GLN A 2 1.74 0.24 3.18
C GLN A 2 2.05 -0.93 2.24
N DPR A 3 3.24 -1.51 2.36
CA DPR A 3 3.54 -2.83 1.85
CB DPR A 3 4.89 -3.27 2.42
CG DPR A 3 5.58 -2.03 2.97
CD DPR A 3 4.46 -1.00 2.98
C DPR A 3 3.49 -2.94 0.33
O DPR A 3 3.43 -4.02 -0.25
HA DPR A 3 2.83 -3.57 2.22
HB2 DPR A 3 5.42 -3.86 1.67
HB3 DPR A 3 4.86 -3.88 3.31
HG2 DPR A 3 6.34 -1.65 2.29
HG3 DPR A 3 5.98 -2.18 3.97
HD2 DPR A 3 4.80 -0.10 2.48
HD3 DPR A 3 4.24 -0.76 4.03
N DGN A 4 3.49 -1.80 -0.38
CA DGN A 4 3.63 -1.80 -1.81
C DGN A 4 2.31 -1.73 -2.56
O DGN A 4 2.22 -1.24 -3.68
CB DGN A 4 4.63 -0.72 -2.28
CG DGN A 4 6.09 -1.18 -2.29
CD DGN A 4 6.64 -1.45 -0.90
OE1 DGN A 4 7.00 -2.56 -0.51
NE2 DGN A 4 6.73 -0.44 -0.03
H DGN A 4 3.75 -0.97 0.13
HA DGN A 4 4.16 -2.65 -2.24
HB2 DGN A 4 4.52 0.10 -1.58
HB3 DGN A 4 4.40 -0.34 -3.27
HG2 DGN A 4 6.62 -0.30 -2.66
HG3 DGN A 4 6.32 -2.01 -2.96
HE21 DGN A 4 6.43 0.48 -0.28
HE22 DGN A 4 7.46 -0.48 0.66
N ARG A 5 1.26 -2.24 -1.90
CA ARG A 5 -0.12 -2.24 -2.31
C ARG A 5 -0.64 -0.83 -2.08
N DGL A 6 -0.56 -0.02 -3.14
CA DGL A 6 -0.89 1.38 -3.13
C DGL A 6 -2.09 1.79 -2.29
O DGL A 6 -1.89 2.60 -1.40
CB DGL A 6 0.31 2.32 -3.03
CG DGL A 6 1.33 2.07 -1.91
CD DGL A 6 2.46 3.09 -2.06
OE1 DGL A 6 3.66 2.76 -1.96
OE2 DGL A 6 2.16 4.28 -2.25
H DGL A 6 0.03 -0.35 -3.89
HA DGL A 6 -1.26 1.61 -4.13
HB2 DGL A 6 -0.12 3.33 -2.95
HB3 DGL A 6 0.85 2.28 -3.97
HG2 DGL A 6 1.69 1.06 -2.02
HG3 DGL A 6 0.83 2.20 -0.96
N PRO A 7 -3.25 1.15 -2.43
CA PRO A 7 -4.46 1.43 -1.67
C PRO A 7 -4.27 1.42 -0.16
N GLN A 8 -3.25 0.74 0.34
CA GLN A 8 -3.06 0.56 1.77
C GLN A 8 -2.12 1.57 2.43
N DAR A 1 -1.48 2.40 1.50
CA DAR A 1 -0.32 3.19 1.89
CB DAR A 1 0.04 4.09 0.71
CG DAR A 1 1.17 5.09 0.93
CD DAR A 1 1.31 6.11 -0.20
NE DAR A 1 2.15 5.68 -1.31
CZ DAR A 1 2.51 6.45 -2.35
NH1 DAR A 1 3.26 5.89 -3.31
NH2 DAR A 1 2.22 7.73 -2.61
C DAR A 1 0.82 2.40 2.53
O DAR A 1 1.61 3.08 3.18
H1 DAR A 1 -1.78 2.45 0.54
HA DAR A 1 -0.51 3.85 2.74
HB2 DAR A 1 -0.79 4.70 0.38
HB3 DAR A 1 0.36 3.52 -0.16
HG2 DAR A 1 2.16 4.64 1.00
HG3 DAR A 1 0.87 5.71 1.77
HD2 DAR A 1 1.68 7.02 0.27
HD3 DAR A 1 0.32 6.42 -0.58
HE DAR A 1 2.56 4.76 -1.21
HH11 DAR A 1 3.46 4.90 -3.24
HH12 DAR A 1 3.37 6.44 -4.13
HH21 DAR A 1 1.66 8.29 -1.99
HH22 DAR A 1 2.64 8.26 -3.38
N GLN A 2 0.80 1.07 2.54
CA GLN A 2 1.76 0.23 3.20
C GLN A 2 2.05 -1.05 2.39
N DPR A 3 3.22 -1.67 2.55
CA DPR A 3 3.45 -2.98 1.94
CB DPR A 3 4.75 -3.49 2.54
CG DPR A 3 4.93 -2.66 3.80
CD DPR A 3 4.30 -1.31 3.45
C DPR A 3 3.49 -3.00 0.42
O DPR A 3 3.29 -4.12 -0.07
HA DPR A 3 2.61 -3.63 2.20
HB2 DPR A 3 5.50 -3.30 1.78
HB3 DPR A 3 4.58 -4.52 2.83
HG2 DPR A 3 5.97 -2.60 4.10
HG3 DPR A 3 4.32 -3.03 4.63
HD2 DPR A 3 4.94 -0.66 2.87
HD3 DPR A 3 3.82 -0.86 4.31
N DGN A 4 3.72 -1.89 -0.25
CA DGN A 4 3.88 -1.88 -1.70
C DGN A 4 2.62 -1.75 -2.55
O DGN A 4 2.63 -1.59 -3.76
CB DGN A 4 4.91 -0.85 -2.16
CG DGN A 4 6.37 -1.01 -1.78
CD DGN A 4 6.60 -0.97 -0.27
OE1 DGN A 4 6.82 -2.02 0.33
NE2 DGN A 4 6.77 0.23 0.30
H DGN A 4 3.80 -1.00 0.22
HA DGN A 4 4.31 -2.84 -2.02
HB2 DGN A 4 4.56 0.17 -1.96
HB3 DGN A 4 4.99 -0.89 -3.25
HG2 DGN A 4 6.95 -0.18 -2.20
HG3 DGN A 4 6.91 -1.87 -2.20
HE21 DGN A 4 6.25 0.96 -0.17
HE22 DGN A 4 7.04 0.36 1.27
N ARG A 5 1.46 -1.96 -1.91
CA ARG A 5 0.15 -2.06 -2.47
C ARG A 5 -0.70 -0.84 -2.18
N DGL A 6 -0.83 0.00 -3.21
CA DGL A 6 -1.17 1.42 -3.17
C DGL A 6 -2.32 1.77 -2.23
O DGL A 6 -2.17 2.62 -1.38
CB DGL A 6 0.05 2.30 -2.95
CG DGL A 6 1.20 1.68 -2.18
CD DGL A 6 2.43 2.56 -2.15
OE1 DGL A 6 3.00 2.97 -3.19
OE2 DGL A 6 2.74 3.01 -1.02
H DGL A 6 -0.49 -0.45 -4.04
HA DGL A 6 -1.54 1.72 -4.15
HB2 DGL A 6 -0.15 3.30 -2.57
HB3 DGL A 6 0.55 2.47 -3.92
HG2 DGL A 6 1.60 0.71 -2.51
HG3 DGL A 6 1.01 1.39 -1.15
N PRO A 7 -3.49 1.14 -2.36
CA PRO A 7 -4.65 1.44 -1.55
C PRO A 7 -4.44 1.43 -0.05
N GLN A 8 -3.38 0.78 0.45
CA GLN A 8 -3.09 0.65 1.87
C GLN A 8 -2.15 1.72 2.43
N DAR A 1 -1.53 2.23 1.60
CA DAR A 1 -0.38 2.95 2.11
CB DAR A 1 0.03 3.89 1.00
CG DAR A 1 1.00 4.92 1.58
CD DAR A 1 1.26 6.02 0.56
NE DAR A 1 2.10 5.66 -0.58
CZ DAR A 1 2.60 6.43 -1.56
NH1 DAR A 1 3.17 5.87 -2.64
NH2 DAR A 1 2.47 7.76 -1.46
C DAR A 1 0.78 2.11 2.63
O DAR A 1 1.60 2.61 3.39
H1 DAR A 1 -1.55 1.98 0.62
HA DAR A 1 -0.72 3.55 2.95
HB2 DAR A 1 -0.82 4.46 0.61
HB3 DAR A 1 0.56 3.33 0.23
HG2 DAR A 1 2.01 4.53 1.69
HG3 DAR A 1 0.67 5.42 2.50
HD2 DAR A 1 1.76 6.86 1.04
HD3 DAR A 1 0.30 6.40 0.20
HE DAR A 1 2.17 4.69 -0.83
HH11 DAR A 1 3.26 4.87 -2.68
HH12 DAR A 1 3.60 6.50 -3.31
HH21 DAR A 1 2.05 8.19 -0.65
HH22 DAR A 1 3.01 8.34 -2.09
N GLN A 2 0.83 0.82 2.30
CA GLN A 2 1.64 -0.10 3.05
C GLN A 2 2.28 -1.10 2.10
N DPR A 3 3.48 -1.57 2.44
CA DPR A 3 4.13 -2.76 1.92
CB DPR A 3 5.58 -2.82 2.42
CG DPR A 3 5.34 -2.22 3.81
CD DPR A 3 4.29 -1.13 3.58
C DPR A 3 4.17 -2.92 0.41
O DPR A 3 4.39 -4.06 -0.01
HA DPR A 3 3.70 -3.70 2.25
HB2 DPR A 3 6.26 -2.12 1.95
HB3 DPR A 3 5.97 -3.83 2.43
HG2 DPR A 3 6.20 -1.72 4.24
HG3 DPR A 3 4.95 -2.97 4.49
HD2 DPR A 3 4.71 -0.16 3.33
HD3 DPR A 3 3.69 -0.93 4.46
N DGN A 4 4.10 -1.87 -0.41
CA DGN A 4 3.96 -1.95 -1.84
C DGN A 4 2.54 -2.02 -2.42
O DGN A 4 2.37 -2.15 -3.63
CB DGN A 4 4.77 -0.92 -2.61
CG DGN A 4 6.28 -1.16 -2.40
CD DGN A 4 6.74 -0.73 -1.02
OE1 DGN A 4 7.21 -1.56 -0.25
NE2 DGN A 4 6.65 0.54 -0.64
H DGN A 4 3.92 -0.98 0.03
HA DGN A 4 4.41 -2.89 -2.14
HB2 DGN A 4 4.50 0.04 -2.17
HB3 DGN A 4 4.53 -0.93 -3.67
HG2 DGN A 4 6.81 -0.62 -3.18
HG3 DGN A 4 6.42 -2.23 -2.53
HE21 DGN A 4 6.27 1.28 -1.23
HE22 DGN A 4 7.01 0.77 0.28
N ARG A 5 1.49 -2.06 -1.59
CA ARG A 5 0.14 -2.15 -2.09
C ARG A 5 -0.68 -0.88 -1.97
N DGL A 6 -0.92 -0.23 -3.10
CA DGL A 6 -1.22 1.18 -3.26
C DGL A 6 -2.32 1.68 -2.32
O DGL A 6 -2.04 2.65 -1.60
CB DGL A 6 0.09 1.97 -3.31
CG DGL A 6 1.15 1.61 -2.27
CD DGL A 6 2.18 2.72 -2.15
OE1 DGL A 6 2.81 2.99 -1.11
OE2 DGL A 6 2.42 3.41 -3.16
H DGL A 6 -0.85 -0.70 -3.99
HA DGL A 6 -1.69 1.23 -4.25
HB2 DGL A 6 -0.22 3.01 -3.32
HB3 DGL A 6 0.49 1.72 -4.29
HG2 DGL A 6 1.61 0.68 -2.62
HG3 DGL A 6 0.69 1.55 -1.29
N PRO A 7 -3.54 1.16 -2.30
CA PRO A 7 -4.66 1.86 -1.72
C PRO A 7 -4.60 1.88 -0.20
N GLN A 8 -3.69 1.09 0.39
CA GLN A 8 -3.61 0.96 1.83
C GLN A 8 -2.46 1.76 2.42
N DAR A 1 -1.52 2.33 1.54
CA DAR A 1 -0.43 3.20 1.94
CB DAR A 1 -0.04 4.04 0.72
CG DAR A 1 1.09 5.02 1.01
CD DAR A 1 1.23 6.08 -0.06
NE DAR A 1 1.74 5.65 -1.37
CZ DAR A 1 1.46 6.16 -2.58
NH1 DAR A 1 2.02 5.69 -3.72
NH2 DAR A 1 0.52 7.09 -2.70
C DAR A 1 0.77 2.49 2.57
O DAR A 1 1.61 3.18 3.15
H1 DAR A 1 -1.69 2.14 0.56
HA DAR A 1 -0.86 3.91 2.64
HB2 DAR A 1 -0.93 4.60 0.43
HB3 DAR A 1 0.20 3.39 -0.11
HG2 DAR A 1 2.06 4.52 1.10
HG3 DAR A 1 0.98 5.54 1.96
HD2 DAR A 1 1.97 6.81 0.24
HD3 DAR A 1 0.26 6.58 -0.14
HE DAR A 1 2.52 5.02 -1.28
HH11 DAR A 1 2.85 5.14 -3.73
HH12 DAR A 1 1.70 6.15 -4.56
HH21 DAR A 1 -0.09 7.21 -1.90
HH22 DAR A 1 0.27 7.33 -3.64
N GLN A 2 0.73 1.17 2.54
CA GLN A 2 1.67 0.26 3.16
C GLN A 2 2.03 -0.97 2.32
N DPR A 3 3.31 -1.38 2.34
CA DPR A 3 3.55 -2.75 1.89
CB DPR A 3 4.93 -3.03 2.45
CG DPR A 3 5.01 -2.17 3.71
CD DPR A 3 4.37 -0.87 3.18
C DPR A 3 3.53 -3.02 0.40
O DPR A 3 3.26 -4.15 0.00
HA DPR A 3 2.76 -3.39 2.29
HB2 DPR A 3 5.71 -2.64 1.79
HB3 DPR A 3 5.08 -4.09 2.68
HG2 DPR A 3 6.04 -1.96 4.02
HG3 DPR A 3 4.42 -2.68 4.45
HD2 DPR A 3 5.07 -0.23 2.65
HD3 DPR A 3 3.91 -0.40 4.05
N DGN A 4 3.67 -1.98 -0.44
CA DGN A 4 3.86 -2.16 -1.86
C DGN A 4 2.50 -2.25 -2.55
O DGN A 4 2.40 -2.64 -3.70
CB DGN A 4 4.55 -0.90 -2.41
CG DGN A 4 6.06 -0.91 -2.24
CD DGN A 4 6.50 -0.99 -0.79
OE1 DGN A 4 7.17 -1.88 -0.31
NE2 DGN A 4 6.23 0.03 0.06
H DGN A 4 3.95 -1.10 -0.03
HA DGN A 4 4.41 -3.06 -2.11
HB2 DGN A 4 4.24 0.05 -1.96
HB3 DGN A 4 4.37 -0.87 -3.48
HG2 DGN A 4 6.61 -0.05 -2.62
HG3 DGN A 4 6.46 -1.79 -2.74
HE21 DGN A 4 5.73 0.85 -0.22
HE22 DGN A 4 6.69 -0.17 0.94
N ARG A 5 1.41 -2.00 -1.82
CA ARG A 5 0.02 -2.05 -2.22
C ARG A 5 -0.48 -0.62 -2.03
N DGL A 6 -0.70 0.10 -3.11
CA DGL A 6 -1.06 1.50 -3.13
C DGL A 6 -2.19 1.91 -2.18
O DGL A 6 -2.06 2.85 -1.42
CB DGL A 6 0.23 2.33 -3.05
CG DGL A 6 1.49 1.76 -2.41
CD DGL A 6 2.68 2.69 -2.36
OE1 DGL A 6 3.35 2.77 -3.43
OE2 DGL A 6 3.03 3.28 -1.32
H DGL A 6 -0.59 -0.36 -4.00
HA DGL A 6 -1.59 1.73 -4.06
HB2 DGL A 6 0.03 3.32 -2.65
HB3 DGL A 6 0.59 2.41 -4.08
HG2 DGL A 6 1.77 0.79 -2.83
HG3 DGL A 6 1.19 1.54 -1.37
N PRO A 7 -3.35 1.28 -2.35
CA PRO A 7 -4.51 1.62 -1.55
C PRO A 7 -4.35 1.35 -0.06
N GLN A 8 -3.42 0.49 0.36
CA GLN A 8 -3.11 0.38 1.77
C GLN A 8 -2.25 1.52 2.31
N DAR A 1 -1.50 2.40 1.50
CA DAR A 1 -0.42 3.28 1.91
CB DAR A 1 0.10 4.13 0.75
CG DAR A 1 0.88 5.37 1.23
CD DAR A 1 1.41 6.27 0.12
NE DAR A 1 2.46 5.66 -0.69
CZ DAR A 1 3.40 6.34 -1.34
NH1 DAR A 1 4.45 5.75 -1.94
NH2 DAR A 1 3.29 7.66 -1.46
C DAR A 1 0.71 2.47 2.54
O DAR A 1 1.40 3.04 3.37
H1 DAR A 1 -1.50 2.13 0.53
HA DAR A 1 -0.83 3.98 2.62
HB2 DAR A 1 -0.71 4.40 0.08
HB3 DAR A 1 0.76 3.53 0.13
HG2 DAR A 1 1.71 4.98 1.83
HG3 DAR A 1 0.28 5.91 1.97
HD2 DAR A 1 1.84 7.17 0.58
HD3 DAR A 1 0.54 6.46 -0.50
HE DAR A 1 2.55 4.66 -0.83
HH11 DAR A 1 4.47 4.74 -1.86
HH12 DAR A 1 4.89 6.12 -2.76
HH21 DAR A 1 2.45 8.11 -1.12
HH22 DAR A 1 4.03 8.25 -1.81
N GLN A 2 0.78 1.15 2.36
CA GLN A 2 1.52 0.17 3.13
C GLN A 2 2.01 -0.97 2.23
N DPR A 3 3.25 -1.45 2.33
CA DPR A 3 3.56 -2.78 1.85
CB DPR A 3 4.86 -3.11 2.55
CG DPR A 3 5.57 -1.74 2.61
CD DPR A 3 4.38 -0.89 3.05
C DPR A 3 3.71 -2.95 0.34
O DPR A 3 3.50 -4.03 -0.21
HA DPR A 3 2.80 -3.45 2.24
HB2 DPR A 3 5.48 -3.74 1.93
HB3 DPR A 3 4.78 -3.46 3.58
HG2 DPR A 3 5.87 -1.59 1.57
HG3 DPR A 3 6.38 -1.60 3.32
HD2 DPR A 3 4.46 0.18 2.91
HD3 DPR A 3 4.18 -1.02 4.11
N DGN A 4 3.87 -1.88 -0.44
CA DGN A 4 3.92 -2.04 -1.89
C DGN A 4 2.53 -2.13 -2.52
O DGN A 4 2.42 -2.14 -3.74
CB DGN A 4 4.76 -0.94 -2.52
CG DGN A 4 6.28 -1.11 -2.53
CD DGN A 4 6.93 -0.98 -1.16
OE1 DGN A 4 7.65 -1.84 -0.68
NE2 DGN A 4 6.78 0.20 -0.53
H DGN A 4 3.65 -0.97 -0.06
HA DGN A 4 4.38 -3.00 -2.13
HB2 DGN A 4 4.54 0.02 -2.05
HB3 DGN A 4 4.44 -0.72 -3.53
HG2 DGN A 4 6.71 -0.31 -3.15
HG3 DGN A 4 6.43 -2.08 -3.02
HE21 DGN A 4 6.24 0.90 -1.00
HE22 DGN A 4 7.32 0.33 0.32
N ARG A 5 1.44 -2.22 -1.76
CA ARG A 5 0.10 -2.18 -2.34
C ARG A 5 -0.52 -0.84 -2.01
N DGL A 6 -0.60 0.02 -3.04
CA DGL A 6 -1.00 1.41 -3.08
C DGL A 6 -2.16 1.84 -2.18
O DGL A 6 -2.00 2.68 -1.30
CB DGL A 6 0.20 2.35 -3.08
CG DGL A 6 1.48 1.79 -2.47
CD DGL A 6 2.70 2.70 -2.49
OE1 DGL A 6 3.24 3.14 -1.46
OE2 DGL A 6 3.08 3.02 -3.64
H DGL A 6 -0.24 -0.34 -3.90
HA DGL A 6 -1.53 1.61 -4.00
HB2 DGL A 6 -0.06 3.30 -2.62
HB3 DGL A 6 0.44 2.57 -4.12
HG2 DGL A 6 1.82 0.80 -2.81
HG3 DGL A 6 1.31 1.65 -1.40
N PRO A 7 -3.34 1.24 -2.26
CA PRO A 7 -4.53 1.58 -1.49
C PRO A 7 -4.41 1.34 0.01
N GLN A 8 -3.44 0.56 0.49
CA GLN A 8 -3.16 0.57 1.91
C GLN A 8 -2.27 1.73 2.35
N DAR A 1 -1.35 2.41 1.70
CA DAR A 1 -0.32 3.26 2.26
CB DAR A 1 0.24 4.14 1.15
CG DAR A 1 0.99 5.32 1.78
CD DAR A 1 1.30 6.38 0.73
NE DAR A 1 2.12 5.90 -0.39
CZ DAR A 1 2.51 6.65 -1.44
NH1 DAR A 1 2.95 6.05 -2.55
NH2 DAR A 1 2.59 7.98 -1.36
C DAR A 1 0.83 2.48 2.91
O DAR A 1 1.52 2.97 3.81
H1 DAR A 1 -1.19 2.07 0.76
HA DAR A 1 -0.76 3.84 3.05
HB2 DAR A 1 -0.58 4.63 0.59
HB3 DAR A 1 0.76 3.65 0.33
HG2 DAR A 1 1.93 4.92 2.19
HG3 DAR A 1 0.30 5.82 2.45
HD2 DAR A 1 1.74 7.26 1.17
HD3 DAR A 1 0.40 6.82 0.30
HE DAR A 1 2.30 4.91 -0.41
HH11 DAR A 1 2.84 5.05 -2.56
HH12 DAR A 1 3.27 6.71 -3.24
HH21 DAR A 1 2.29 8.54 -0.58
HH22 DAR A 1 3.17 8.44 -2.05
N GLN A 2 0.97 1.19 2.62
CA GLN A 2 1.66 0.18 3.40
C GLN A 2 2.08 -0.94 2.46
N DPR A 3 3.30 -1.47 2.49
CA DPR A 3 3.61 -2.77 1.92
CB DPR A 3 5.07 -3.02 2.28
CG DPR A 3 5.45 -2.13 3.45
CD DPR A 3 4.39 -1.02 3.34
C DPR A 3 3.54 -2.93 0.41
O DPR A 3 3.31 -4.02 -0.12
HA DPR A 3 2.97 -3.52 2.38
HB2 DPR A 3 5.72 -2.86 1.43
HB3 DPR A 3 5.23 -4.08 2.54
HG2 DPR A 3 6.51 -1.91 3.36
HG3 DPR A 3 5.30 -2.71 4.35
HD2 DPR A 3 4.90 -0.19 2.87
HD3 DPR A 3 3.96 -0.82 4.31
N DGN A 4 3.67 -1.89 -0.41
CA DGN A 4 3.76 -1.81 -1.85
C DGN A 4 2.42 -2.04 -2.56
O DGN A 4 2.48 -1.94 -3.79
CB DGN A 4 4.42 -0.50 -2.26
CG DGN A 4 5.91 -0.44 -2.02
CD DGN A 4 6.28 0.07 -0.64
OE1 DGN A 4 6.49 -0.70 0.30
NE2 DGN A 4 6.38 1.38 -0.38
H DGN A 4 3.67 -0.98 0.03
HA DGN A 4 4.51 -2.50 -2.23
HB2 DGN A 4 3.79 0.26 -1.79
HB3 DGN A 4 4.28 -0.39 -3.33
HG2 DGN A 4 6.34 0.23 -2.77
HG3 DGN A 4 6.32 -1.45 -2.15
HE21 DGN A 4 6.09 2.06 -1.08
HE22 DGN A 4 6.42 1.61 0.60
N ARG A 5 1.29 -2.21 -1.88
CA ARG A 5 -0.03 -2.29 -2.48
C ARG A 5 -0.74 -0.94 -2.30
N DGL A 6 -0.81 -0.19 -3.39
CA DGL A 6 -1.11 1.23 -3.41
C DGL A 6 -2.20 1.65 -2.44
O DGL A 6 -1.98 2.63 -1.74
CB DGL A 6 0.20 2.00 -3.42
CG DGL A 6 1.11 1.73 -2.22
CD DGL A 6 2.22 2.76 -2.08
OE1 DGL A 6 2.79 3.06 -1.02
OE2 DGL A 6 2.63 3.26 -3.16
H DGL A 6 -0.51 -0.58 -4.27
HA DGL A 6 -1.61 1.51 -4.35
HB2 DGL A 6 -0.05 3.04 -3.30
HB3 DGL A 6 0.73 1.86 -4.36
HG2 DGL A 6 1.48 0.73 -2.02
HG3 DGL A 6 0.43 1.81 -1.34
N PRO A 7 -3.43 1.13 -2.47
CA PRO A 7 -4.52 1.56 -1.62
C PRO A 7 -4.35 1.53 -0.11
N GLN A 8 -3.37 0.78 0.37
CA GLN A 8 -3.04 0.66 1.79
C GLN A 8 -2.37 1.89 2.38
N DAR A 1 -1.30 2.51 1.58
CA DAR A 1 -0.16 3.22 2.10
CB DAR A 1 0.51 4.07 1.02
CG DAR A 1 1.79 4.79 1.43
CD DAR A 1 2.20 5.96 0.54
NE DAR A 1 2.69 5.55 -0.78
CZ DAR A 1 3.21 6.27 -1.79
NH1 DAR A 1 3.53 5.72 -2.97
NH2 DAR A 1 3.63 7.54 -1.67
C DAR A 1 0.88 2.31 2.74
O DAR A 1 1.71 2.74 3.53
H1 DAR A 1 -1.38 2.23 0.60
HA DAR A 1 -0.55 3.86 2.89
HB2 DAR A 1 -0.16 4.86 0.70
HB3 DAR A 1 0.81 3.42 0.21
HG2 DAR A 1 2.67 4.14 1.42
HG3 DAR A 1 1.66 5.15 2.46
HD2 DAR A 1 3.02 6.55 0.98
HD3 DAR A 1 1.33 6.59 0.38
HE DAR A 1 2.65 4.57 -1.02
HH11 DAR A 1 3.38 4.72 -3.03
HH12 DAR A 1 4.15 6.08 -3.67
HH21 DAR A 1 3.52 8.11 -0.84
HH22 DAR A 1 4.06 7.95 -2.48
N GLN A 2 0.77 1.01 2.48
CA GLN A 2 1.51 -0.01 3.19
C GLN A 2 1.88 -1.17 2.28
N DPR A 3 3.12 -1.64 2.39
CA DPR A 3 3.57 -2.91 1.87
CB DPR A 3 4.87 -3.26 2.58
CG DPR A 3 5.45 -1.91 2.98
CD DPR A 3 4.17 -1.13 3.26
C DPR A 3 3.79 -2.90 0.35
O DPR A 3 3.91 -3.97 -0.24
HA DPR A 3 2.87 -3.71 2.09
HB2 DPR A 3 5.61 -3.78 1.97
HB3 DPR A 3 4.59 -3.94 3.40
HG2 DPR A 3 6.03 -1.50 2.17
HG3 DPR A 3 6.06 -1.97 3.89
HD2 DPR A 3 4.31 -0.05 3.12
HD3 DPR A 3 3.92 -1.34 4.30
N DGN A 4 3.87 -1.73 -0.28
CA DGN A 4 3.91 -1.68 -1.73
C DGN A 4 2.54 -1.74 -2.41
O DGN A 4 2.41 -1.65 -3.63
CB DGN A 4 4.79 -0.54 -2.24
CG DGN A 4 6.31 -0.71 -2.24
CD DGN A 4 6.88 -0.86 -0.85
OE1 DGN A 4 7.32 -1.94 -0.45
NE2 DGN A 4 6.90 0.22 -0.06
H DGN A 4 3.47 -0.91 0.14
HA DGN A 4 4.40 -2.57 -2.07
HB2 DGN A 4 4.41 0.31 -1.67
HB3 DGN A 4 4.59 -0.32 -3.30
HG2 DGN A 4 6.84 0.12 -2.71
HG3 DGN A 4 6.63 -1.58 -2.82
HE21 DGN A 4 6.58 1.10 -0.42
HE22 DGN A 4 7.31 0.12 0.85
N ARG A 5 1.47 -2.04 -1.68
CA ARG A 5 0.14 -2.13 -2.26
C ARG A 5 -0.63 -0.83 -2.07
N DGL A 6 -0.81 -0.14 -3.19
CA DGL A 6 -1.25 1.24 -3.42
C DGL A 6 -2.31 1.74 -2.45
O DGL A 6 -2.11 2.69 -1.70
CB DGL A 6 -0.02 2.14 -3.57
CG DGL A 6 1.13 1.80 -2.62
CD DGL A 6 2.30 2.76 -2.72
OE1 DGL A 6 3.09 2.95 -1.76
OE2 DGL A 6 2.44 3.31 -3.83
H DGL A 6 -0.50 -0.55 -4.06
HA DGL A 6 -1.80 1.35 -4.36
HB2 DGL A 6 -0.30 3.19 -3.49
HB3 DGL A 6 0.34 1.99 -4.59
HG2 DGL A 6 1.57 0.82 -2.62
HG3 DGL A 6 0.58 1.84 -1.69
N PRO A 7 -3.43 1.03 -2.36
CA PRO A 7 -4.59 1.42 -1.57
C PRO A 7 -4.37 1.63 -0.07
N GLN A 8 -3.33 0.98 0.41
CA GLN A 8 -3.14 0.84 1.84
C GLN A 8 -2.27 1.99 2.33
N DAR A 1 -1.53 2.18 1.71
CA DAR A 1 -0.54 3.12 2.18
CB DAR A 1 -0.14 4.01 1.01
CG DAR A 1 0.38 5.37 1.49
CD DAR A 1 0.48 6.38 0.34
NE DAR A 1 1.05 5.89 -0.92
CZ DAR A 1 1.02 6.61 -2.04
NH1 DAR A 1 1.58 6.05 -3.12
NH2 DAR A 1 0.51 7.86 -2.09
C DAR A 1 0.69 2.54 2.87
O DAR A 1 1.34 3.22 3.66
H1 DAR A 1 -1.63 2.06 0.71
HA DAR A 1 -1.02 3.77 2.91
HB2 DAR A 1 -1.01 4.17 0.39
HB3 DAR A 1 0.62 3.47 0.46
HG2 DAR A 1 1.41 5.25 1.81
HG3 DAR A 1 -0.21 5.69 2.33
HD2 DAR A 1 1.08 7.19 0.75
HD3 DAR A 1 -0.56 6.66 0.12
HE DAR A 1 1.63 5.07 -0.96
HH11 DAR A 1 1.97 5.14 -2.93
HH12 DAR A 1 1.69 6.55 -3.99
HH21 DAR A 1 0.17 8.32 -1.27
HH22 DAR A 1 0.70 8.35 -2.94
N GLN A 2 0.90 1.24 2.66
CA GLN A 2 1.97 0.37 3.14
C GLN A 2 2.38 -0.64 2.09
N DPR A 3 3.51 -1.34 2.22
CA DPR A 3 3.51 -2.77 1.92
CB DPR A 3 4.79 -3.27 2.59
CG DPR A 3 4.95 -2.35 3.79
CD DPR A 3 4.56 -1.01 3.16
C DPR A 3 3.41 -3.10 0.44
O DPR A 3 3.24 -4.25 0.03
HA DPR A 3 2.64 -3.20 2.40
HB2 DPR A 3 5.71 -3.20 1.98
HB3 DPR A 3 4.73 -4.26 2.99
HG2 DPR A 3 6.01 -2.29 4.05
HG3 DPR A 3 4.27 -2.62 4.59
HD2 DPR A 3 5.33 -0.48 2.61
HD3 DPR A 3 4.28 -0.39 4.01
N DGN A 4 3.71 -2.10 -0.40
CA DGN A 4 3.74 -2.06 -1.85
C DGN A 4 2.40 -2.46 -2.46
O DGN A 4 2.32 -3.02 -3.54
CB DGN A 4 4.22 -0.74 -2.44
CG DGN A 4 5.67 -0.29 -2.29
CD DGN A 4 6.12 0.01 -0.87
OE1 DGN A 4 7.09 -0.54 -0.34
NE2 DGN A 4 5.49 0.91 -0.13
H DGN A 4 3.93 -1.25 0.09
HA DGN A 4 4.38 -2.89 -2.18
HB2 DGN A 4 3.59 0.06 -2.06
HB3 DGN A 4 4.01 -0.78 -3.51
HG2 DGN A 4 5.90 0.56 -2.95
HG3 DGN A 4 6.32 -1.12 -2.54
HE21 DGN A 4 4.68 1.38 -0.49
HE22 DGN A 4 5.98 1.20 0.70
N ARG A 5 1.30 -2.08 -1.81
CA ARG A 5 -0.08 -2.15 -2.26
C ARG A 5 -0.62 -0.74 -2.04
N DGL A 6 -0.76 0.01 -3.13
CA DGL A 6 -0.97 1.44 -3.22
C DGL A 6 -2.12 1.94 -2.35
O DGL A 6 -1.93 2.80 -1.51
CB DGL A 6 0.29 2.21 -2.88
CG DGL A 6 1.12 1.72 -1.70
CD DGL A 6 2.36 2.57 -1.43
OE1 DGL A 6 2.42 3.66 -2.02
OE2 DGL A 6 3.20 2.27 -0.54
H DGL A 6 -0.64 -0.53 -3.99
HA DGL A 6 -1.21 1.67 -4.26
HB2 DGL A 6 0.05 3.27 -2.78
HB3 DGL A 6 0.95 2.17 -3.77
HG2 DGL A 6 1.45 0.72 -1.99
HG3 DGL A 6 0.60 1.69 -0.74
N PRO A 7 -3.27 1.28 -2.42
CA PRO A 7 -4.46 1.64 -1.68
C PRO A 7 -4.32 1.46 -0.17
N GLN A 8 -3.36 0.71 0.36
CA GLN A 8 -3.17 0.41 1.75
C GLN A 8 -2.35 1.47 2.49
N DAR A 1 -1.38 2.16 1.44
CA DAR A 1 -0.31 2.99 1.96
CB DAR A 1 0.09 3.92 0.82
CG DAR A 1 0.93 5.09 1.32
CD DAR A 1 0.96 6.12 0.19
NE DAR A 1 1.86 5.71 -0.88
CZ DAR A 1 2.18 6.48 -1.93
NH1 DAR A 1 2.88 5.89 -2.92
NH2 DAR A 1 1.85 7.77 -2.06
C DAR A 1 0.82 2.22 2.64
O DAR A 1 1.53 2.88 3.39
H1 DAR A 1 -1.42 2.02 0.44
HA DAR A 1 -0.74 3.58 2.77
HB2 DAR A 1 -0.86 4.28 0.43
HB3 DAR A 1 0.45 3.41 -0.09
HG2 DAR A 1 1.94 4.72 1.51
HG3 DAR A 1 0.49 5.57 2.19
HD2 DAR A 1 1.23 7.12 0.50
HD3 DAR A 1 -0.07 6.21 -0.14
HE DAR A 1 2.30 4.80 -0.85
HH11 DAR A 1 2.99 4.90 -2.82
HH12 DAR A 1 2.93 6.33 -3.83
HH21 DAR A 1 1.20 8.09 -1.37
HH22 DAR A 1 2.37 8.35 -2.70
N GLN A 2 0.94 0.91 2.48
CA GLN A 2 1.74 -0.02 3.26
C GLN A 2 2.25 -1.13 2.34
N DPR A 3 3.46 -1.65 2.44
CA DPR A 3 3.85 -2.87 1.78
CB DPR A 3 5.12 -3.30 2.53
CG DPR A 3 5.65 -2.00 3.13
CD DPR A 3 4.39 -1.22 3.46
C DPR A 3 4.27 -2.78 0.31
O DPR A 3 4.86 -3.70 -0.26
HA DPR A 3 3.07 -3.65 1.78
HB2 DPR A 3 5.84 -3.75 1.88
HB3 DPR A 3 4.79 -3.97 3.34
HG2 DPR A 3 6.22 -1.44 2.38
HG3 DPR A 3 6.15 -2.27 4.05
HD2 DPR A 3 4.59 -0.16 3.35
HD3 DPR A 3 4.07 -1.60 4.44
N DGN A 4 3.89 -1.72 -0.41
CA DGN A 4 3.90 -1.70 -1.85
C DGN A 4 2.48 -1.93 -2.37
O DGN A 4 2.31 -2.12 -3.57
CB DGN A 4 4.60 -0.45 -2.38
CG DGN A 4 6.12 -0.40 -2.43
CD DGN A 4 6.77 -0.61 -1.06
OE1 DGN A 4 7.09 -1.73 -0.66
NE2 DGN A 4 6.96 0.43 -0.26
H DGN A 4 3.38 -0.96 0.01
HA DGN A 4 4.45 -2.56 -2.24
HB2 DGN A 4 4.22 0.34 -1.74
HB3 DGN A 4 4.23 -0.31 -3.39
HG2 DGN A 4 6.38 0.54 -2.90
HG3 DGN A 4 6.64 -1.19 -3.00
HE21 DGN A 4 6.63 1.36 -0.48
HE22 DGN A 4 7.46 0.28 0.60
N ARG A 5 1.45 -1.97 -1.54
CA ARG A 5 0.07 -2.15 -1.98
C ARG A 5 -0.76 -0.88 -1.88
N DGL A 6 -0.91 -0.22 -3.05
CA DGL A 6 -1.13 1.18 -3.18
C DGL A 6 -2.28 1.76 -2.37
O DGL A 6 -2.05 2.59 -1.48
CB DGL A 6 0.21 1.92 -3.16
CG DGL A 6 1.22 1.64 -2.05
CD DGL A 6 2.30 2.70 -2.04
OE1 DGL A 6 2.67 3.16 -0.93
OE2 DGL A 6 2.84 3.03 -3.12
H DGL A 6 -0.63 -0.79 -3.85
HA DGL A 6 -1.55 1.34 -4.17
HB2 DGL A 6 0.00 2.98 -3.07
HB3 DGL A 6 0.62 1.69 -4.14
HG2 DGL A 6 1.63 0.65 -2.22
HG3 DGL A 6 0.78 1.63 -1.05
N PRO A 7 -3.49 1.20 -2.46
CA PRO A 7 -4.64 1.73 -1.75
C PRO A 7 -4.58 1.62 -0.23
N GLN A 8 -3.67 0.82 0.34
CA GLN A 8 -3.47 0.84 1.77
C GLN A 8 -2.28 1.62 2.27
N DAR A 1 -1.53 2.35 1.57
CA DAR A 1 -0.32 2.94 2.09
CB DAR A 1 0.10 3.99 1.06
CG DAR A 1 1.16 4.87 1.72
CD DAR A 1 1.60 6.06 0.87
NE DAR A 1 2.31 5.63 -0.33
CZ DAR A 1 3.26 6.32 -0.99
NH1 DAR A 1 4.03 5.90 -1.99
NH2 DAR A 1 3.66 7.56 -0.66
C DAR A 1 0.77 2.03 2.65
O DAR A 1 1.52 2.50 3.49
H1 DAR A 1 -1.67 2.31 0.57
HA DAR A 1 -0.59 3.54 2.94
HB2 DAR A 1 -0.74 4.57 0.64
HB3 DAR A 1 0.57 3.49 0.20
HG2 DAR A 1 2.05 4.30 1.97
HG3 DAR A 1 0.85 5.38 2.63
HD2 DAR A 1 2.27 6.69 1.46
HD3 DAR A 1 0.81 6.75 0.53
HE DAR A 1 2.36 4.64 -0.55
HH11 DAR A 1 3.77 5.05 -2.47
HH12 DAR A 1 4.76 6.51 -2.34
HH21 DAR A 1 3.11 8.05 0.03
HH22 DAR A 1 4.27 7.98 -1.34
N GLN A 2 0.77 0.73 2.31
CA GLN A 2 1.45 -0.31 3.07
C GLN A 2 2.20 -1.17 2.08
N DPR A 3 3.46 -1.55 2.31
CA DPR A 3 4.12 -2.70 1.71
CB DPR A 3 5.49 -2.80 2.36
CG DPR A 3 5.21 -2.29 3.77
CD DPR A 3 4.20 -1.17 3.51
C DPR A 3 4.25 -2.79 0.21
O DPR A 3 4.43 -3.87 -0.36
HA DPR A 3 3.51 -3.58 1.95
HB2 DPR A 3 6.25 -2.22 1.84
HB3 DPR A 3 5.83 -3.83 2.36
HG2 DPR A 3 6.14 -1.92 4.19
HG3 DPR A 3 4.87 -3.05 4.47
HD2 DPR A 3 4.59 -0.17 3.41
HD3 DPR A 3 3.51 -1.06 4.35
N DGN A 4 4.13 -1.67 -0.50
CA DGN A 4 3.97 -1.70 -1.94
C DGN A 4 2.57 -2.00 -2.43
O DGN A 4 2.48 -2.10 -3.66
CB DGN A 4 4.59 -0.40 -2.49
CG DGN A 4 6.11 -0.45 -2.55
CD DGN A 4 6.76 -0.53 -1.17
OE1 DGN A 4 7.22 -1.59 -0.76
NE2 DGN A 4 6.86 0.52 -0.35
H DGN A 4 3.83 -0.86 0.04
HA DGN A 4 4.55 -2.52 -2.36
HB2 DGN A 4 4.37 0.46 -1.87
HB3 DGN A 4 4.18 -0.33 -3.49
HG2 DGN A 4 6.49 0.48 -2.97
HG3 DGN A 4 6.41 -1.36 -3.08
HE21 DGN A 4 6.42 1.37 -0.66
HE22 DGN A 4 7.09 0.36 0.62
N ARG A 5 1.56 -2.03 -1.57
CA ARG A 5 0.15 -2.28 -1.80
C ARG A 5 -0.63 -0.98 -1.82
N DGL A 6 -0.73 -0.29 -2.97
CA DGL A 6 -1.10 1.09 -3.22
C DGL A 6 -2.19 1.55 -2.27
O DGL A 6 -1.97 2.34 -1.35
CB DGL A 6 0.12 2.00 -3.20
CG DGL A 6 1.19 1.76 -2.15
CD DGL A 6 2.23 2.87 -2.14
OE1 DGL A 6 3.01 2.98 -1.17
OE2 DGL A 6 2.35 3.67 -3.07
H DGL A 6 -0.28 -0.77 -3.74
HA DGL A 6 -1.45 1.12 -4.24
HB2 DGL A 6 -0.21 3.04 -3.28
HB3 DGL A 6 0.67 1.85 -4.13
HG2 DGL A 6 1.79 0.85 -2.26
HG3 DGL A 6 0.75 1.69 -1.15
N PRO A 7 -3.47 1.17 -2.46
CA PRO A 7 -4.59 1.80 -1.80
C PRO A 7 -4.73 1.77 -0.28
N GLN A 8 -3.81 1.14 0.47
CA GLN A 8 -3.69 1.15 1.91
C GLN A 8 -2.52 2.00 2.39
N DAR A 1 -1.60 2.21 1.50
CA DAR A 1 -0.51 3.06 1.93
CB DAR A 1 -0.23 4.08 0.83
CG DAR A 1 0.67 5.22 1.32
CD DAR A 1 0.69 6.34 0.28
NE DAR A 1 1.29 5.90 -0.97
CZ DAR A 1 1.28 6.54 -2.15
NH1 DAR A 1 1.93 5.96 -3.16
NH2 DAR A 1 0.53 7.65 -2.29
C DAR A 1 0.69 2.32 2.52
O DAR A 1 1.54 2.97 3.11
H1 DAR A 1 -1.75 1.99 0.52
HA DAR A 1 -0.94 3.60 2.77
HB2 DAR A 1 -1.17 4.48 0.45
HB3 DAR A 1 0.22 3.56 -0.02
HG2 DAR A 1 1.64 4.76 1.47
HG3 DAR A 1 0.39 5.62 2.29
HD2 DAR A 1 1.21 7.22 0.62
HD3 DAR A 1 -0.33 6.65 0.01
HE DAR A 1 1.82 5.04 -0.98
HH11 DAR A 1 2.19 4.99 -3.17
HH12 DAR A 1 1.80 6.38 -4.08
HH21 DAR A 1 0.22 8.16 -1.48
HH22 DAR A 1 0.64 8.21 -3.12
N GLN A 2 0.78 0.99 2.37
CA GLN A 2 1.78 0.12 2.96
C GLN A 2 2.23 -1.07 2.13
N DPR A 3 3.46 -1.59 2.23
CA DPR A 3 3.86 -2.93 1.90
CB DPR A 3 5.12 -3.24 2.73
CG DPR A 3 5.75 -1.86 2.88
CD DPR A 3 4.53 -0.95 2.98
C DPR A 3 3.93 -3.11 0.38
O DPR A 3 3.93 -4.24 -0.10
HA DPR A 3 3.16 -3.65 2.34
HB2 DPR A 3 5.82 -3.97 2.35
HB3 DPR A 3 4.86 -3.58 3.72
HG2 DPR A 3 6.28 -1.57 1.97
HG3 DPR A 3 6.42 -1.83 3.73
HD2 DPR A 3 4.88 -0.05 2.45
HD3 DPR A 3 4.28 -0.78 4.02
N DGN A 4 4.02 -2.07 -0.45
CA DGN A 4 3.91 -2.03 -1.89
C DGN A 4 2.48 -2.19 -2.40
O DGN A 4 2.28 -2.59 -3.55
CB DGN A 4 4.51 -0.74 -2.46
CG DGN A 4 6.03 -0.73 -2.39
CD DGN A 4 6.51 -0.84 -0.93
OE1 DGN A 4 6.89 -1.92 -0.48
NE2 DGN A 4 6.57 0.18 -0.08
H DGN A 4 4.05 -1.15 -0.05
HA DGN A 4 4.50 -2.88 -2.22
HB2 DGN A 4 4.01 0.04 -1.91
HB3 DGN A 4 4.24 -0.63 -3.51
HG2 DGN A 4 6.45 0.17 -2.83
HG3 DGN A 4 6.36 -1.59 -2.96
HE21 DGN A 4 6.36 1.11 -0.38
HE22 DGN A 4 6.92 0.05 0.86
N ARG A 5 1.46 -1.86 -1.60
CA ARG A 5 0.08 -2.01 -1.99
C ARG A 5 -0.61 -0.65 -1.85
N DGL A 6 -0.62 0.07 -2.98
CA DGL A 6 -1.00 1.47 -3.09
C DGL A 6 -2.19 1.95 -2.27
O DGL A 6 -2.20 2.94 -1.56
CB DGL A 6 0.24 2.35 -2.93
CG DGL A 6 1.43 1.78 -2.18
CD DGL A 6 2.51 2.85 -2.04
OE1 DGL A 6 2.72 3.27 -0.88
OE2 DGL A 6 3.22 3.25 -2.99
H DGL A 6 -0.36 -0.36 -3.84
HA DGL A 6 -1.34 1.67 -4.10
HB2 DGL A 6 0.03 3.26 -2.37
HB3 DGL A 6 0.56 2.56 -3.95
HG2 DGL A 6 1.87 0.97 -2.78
HG3 DGL A 6 1.08 1.46 -1.19
N PRO A 7 -3.33 1.25 -2.33
CA PRO A 7 -4.57 1.62 -1.70
C PRO A 7 -4.61 1.65 -0.18
N GLN A 8 -3.80 0.80 0.46
CA GLN A 8 -3.54 0.70 1.88
C GLN A 8 -2.41 1.59 2.37
N DAR A 1 -1.44 2.10 1.25
CA DAR A 1 -0.19 2.80 1.49
CB DAR A 1 0.26 3.53 0.23
CG DAR A 1 1.44 4.49 0.40
CD DAR A 1 1.51 5.57 -0.69
NE DAR A 1 1.69 4.95 -2.01
CZ DAR A 1 2.89 4.76 -2.57
NH1 DAR A 1 2.96 4.14 -3.75
NH2 DAR A 1 4.07 5.02 -2.01
C DAR A 1 0.91 1.97 2.14
O DAR A 1 1.87 2.59 2.61
H1 DAR A 1 -1.70 1.98 0.29
HA DAR A 1 -0.39 3.59 2.22
HB2 DAR A 1 -0.58 4.17 -0.01
HB3 DAR A 1 0.27 2.89 -0.65
HG2 DAR A 1 2.35 3.91 0.27
HG3 DAR A 1 1.46 4.88 1.42
HD2 DAR A 1 2.35 6.22 -0.49
HD3 DAR A 1 0.59 6.13 -0.72
HE DAR A 1 0.82 4.62 -2.42
HH11 DAR A 1 2.16 4.10 -4.39
HH12 DAR A 1 3.88 3.85 -4.05
HH21 DAR A 1 4.22 5.22 -1.03
HH22 DAR A 1 4.90 4.75 -2.54
N GLN A 2 0.83 0.65 2.25
CA GLN A 2 1.60 -0.22 3.10
C GLN A 2 2.12 -1.50 2.44
N DPR A 3 3.40 -1.82 2.64
CA DPR A 3 3.95 -2.95 1.91
CB DPR A 3 5.38 -3.14 2.41
CG DPR A 3 5.36 -2.37 3.73
CD DPR A 3 4.39 -1.21 3.49
C DPR A 3 4.10 -2.84 0.39
O DPR A 3 4.16 -3.84 -0.33
HA DPR A 3 3.33 -3.81 2.13
HB2 DPR A 3 6.05 -2.53 1.80
HB3 DPR A 3 5.78 -4.14 2.50
HG2 DPR A 3 6.39 -2.02 3.93
HG3 DPR A 3 4.99 -2.93 4.58
HD2 DPR A 3 5.00 -0.51 2.92
HD3 DPR A 3 4.03 -0.77 4.42
N DGN A 4 3.95 -1.62 -0.11
CA DGN A 4 3.91 -1.40 -1.54
C DGN A 4 2.59 -1.90 -2.13
O DGN A 4 2.58 -2.44 -3.24
CB DGN A 4 4.20 0.09 -1.70
CG DGN A 4 4.52 0.51 -3.12
CD DGN A 4 5.84 -0.09 -3.59
OE1 DGN A 4 5.77 -1.02 -4.39
NE2 DGN A 4 7.00 0.41 -3.15
H DGN A 4 3.78 -0.84 0.51
HA DGN A 4 4.73 -1.94 -2.00
HB2 DGN A 4 5.07 0.34 -1.11
HB3 DGN A 4 3.30 0.67 -1.45
HG2 DGN A 4 4.59 1.59 -3.34
HG3 DGN A 4 3.74 0.08 -3.76
HE21 DGN A 4 6.96 1.13 -2.45
HE22 DGN A 4 7.96 0.21 -3.40
N ARG A 5 1.50 -1.80 -1.37
CA ARG A 5 0.18 -2.07 -1.89
C ARG A 5 -0.61 -0.76 -1.80
N DGL A 6 -0.99 -0.29 -2.99
CA DGL A 6 -1.36 1.06 -3.36
C DGL A 6 -2.34 1.73 -2.41
O DGL A 6 -1.95 2.73 -1.79
CB DGL A 6 -0.01 1.74 -3.51
CG DGL A 6 0.91 1.32 -4.67
CD DGL A 6 0.67 2.21 -5.87
OE1 DGL A 6 1.55 3.06 -6.14
OE2 DGL A 6 -0.38 2.08 -6.53
H DGL A 6 -0.84 -1.00 -3.69
HA DGL A 6 -1.91 0.92 -4.29
HB2 DGL A 6 0.61 1.55 -2.64
HB3 DGL A 6 -0.27 2.79 -3.55
HG2 DGL A 6 0.69 0.29 -4.92
HG3 DGL A 6 1.97 1.30 -4.40
N PRO A 7 -3.60 1.33 -2.28
CA PRO A 7 -4.62 2.05 -1.54
C PRO A 7 -4.23 2.03 -0.06
N GLN A 8 -3.93 0.85 0.46
CA GLN A 8 -3.45 0.73 1.83
C GLN A 8 -2.34 1.71 2.17
#